data_6OW2
#
_entry.id   6OW2
#
_cell.length_a   50.334
_cell.length_b   50.334
_cell.length_c   91.482
_cell.angle_alpha   90.000
_cell.angle_beta   90.000
_cell.angle_gamma   90.000
#
_symmetry.space_group_name_H-M   'P 43'
#
loop_
_entity.id
_entity.type
_entity.pdbx_description
1 polymer 'Peptide deformylase'
2 non-polymer 'NICKEL (II) ION'
3 non-polymer "(2R)-2-(cyclopentylmethyl)-N'-{5-fluoro-6-[(9aS)-hexahydropyrazino[2,1-c][1,4]oxazin-8(1H)-yl]-2-methylpyrimidin-4-yl}-3-[hydroxy(hydroxymethyl)amino]propanehydrazide"
4 water water
#
_entity_poly.entity_id   1
_entity_poly.type   'polypeptide(L)'
_entity_poly.pdbx_seq_one_letter_code
;SAIERITKAAHLIDMNDIIREGNPTLRTVAEEVTFPLSDQEIILGEKMMQFLKHSQDPVMAEKMGLRGGVGLAAPQLDIS
KRIIAVLVPNIVEEGETPQEAYDLEAIMYNPKIVSHSVQDAALGEGEGCLSVDRNVPGYVVRHARVTVDYFDKDGEKHRI
KLKGYNSIVVQHEIDHINGIMFYDRINEKDPFAVKDGLLILE
;
_entity_poly.pdbx_strand_id   P
#
loop_
_chem_comp.id
_chem_comp.type
_chem_comp.name
_chem_comp.formula
NB4 non-polymer (2R)-2-(cyclopentylmethyl)-N'-{5-fluoro-6-[(9aS)-hexahydropyrazino[2,1-c][1,4]oxazin-8(1H)-yl]-2-methylpyrimidin-4-yl}-3-[hydroxy(hydroxymethyl)amino]propanehydrazide 'C22 H36 F N7 O4'
NI non-polymer 'NICKEL (II) ION' 'Ni 2'
#
# COMPACT_ATOMS: atom_id res chain seq x y z
N SER A 1 -14.50 5.47 16.31
CA SER A 1 -14.06 5.27 14.94
C SER A 1 -12.81 4.40 14.91
N ALA A 2 -12.51 3.84 13.74
CA ALA A 2 -11.30 3.05 13.61
C ALA A 2 -10.06 3.87 13.93
N ILE A 3 -10.02 5.12 13.46
CA ILE A 3 -8.81 5.91 13.68
C ILE A 3 -8.62 6.21 15.16
N GLU A 4 -9.71 6.44 15.90
CA GLU A 4 -9.59 6.76 17.32
C GLU A 4 -9.04 5.58 18.11
N ARG A 5 -9.49 4.36 17.80
CA ARG A 5 -8.99 3.25 18.59
C ARG A 5 -7.63 2.78 18.11
N ILE A 6 -7.33 2.93 16.80
CA ILE A 6 -6.02 2.45 16.36
C ILE A 6 -4.91 3.37 16.83
N THR A 7 -5.20 4.65 17.09
CA THR A 7 -4.14 5.59 17.46
C THR A 7 -3.99 5.74 18.97
N LYS A 8 -4.76 4.99 19.76
CA LYS A 8 -4.44 4.87 21.17
C LYS A 8 -2.99 4.39 21.34
N ALA A 9 -2.28 5.00 22.29
CA ALA A 9 -0.89 4.64 22.52
C ALA A 9 -0.70 3.13 22.67
N ALA A 10 -1.63 2.47 23.34
CA ALA A 10 -1.44 1.04 23.60
C ALA A 10 -1.75 0.15 22.41
N HIS A 11 -2.36 0.65 21.33
CA HIS A 11 -2.85 -0.25 20.30
C HIS A 11 -1.74 -0.74 19.37
N LEU A 12 -1.79 -2.04 19.05
CA LEU A 12 -0.90 -2.66 18.07
C LEU A 12 -1.75 -3.20 16.94
N ILE A 13 -1.60 -2.63 15.74
CA ILE A 13 -2.38 -3.11 14.61
C ILE A 13 -2.09 -4.58 14.40
N ASP A 14 -3.13 -5.36 14.18
CA ASP A 14 -2.95 -6.75 13.80
C ASP A 14 -3.96 -7.06 12.70
N MET A 15 -4.05 -8.33 12.32
CA MET A 15 -4.92 -8.66 11.20
C MET A 15 -6.37 -8.37 11.51
N ASN A 16 -6.75 -8.25 12.78
CA ASN A 16 -8.16 -7.99 13.08
C ASN A 16 -8.57 -6.58 12.71
N ASP A 17 -7.60 -5.68 12.55
CA ASP A 17 -7.90 -4.31 12.16
C ASP A 17 -8.02 -4.14 10.65
N ILE A 18 -7.62 -5.14 9.88
CA ILE A 18 -7.54 -5.06 8.42
C ILE A 18 -8.83 -5.63 7.84
N ILE A 19 -9.57 -4.80 7.11
CA ILE A 19 -10.82 -5.25 6.50
C ILE A 19 -10.52 -6.00 5.20
N ARG A 20 -11.47 -6.82 4.78
CA ARG A 20 -11.30 -7.75 3.67
C ARG A 20 -12.32 -7.46 2.57
N GLU A 21 -12.06 -8.02 1.39
CA GLU A 21 -12.94 -7.76 0.27
C GLU A 21 -14.38 -8.10 0.66
N GLY A 22 -15.31 -7.34 0.10
CA GLY A 22 -16.67 -7.32 0.58
C GLY A 22 -16.97 -6.13 1.46
N ASN A 23 -15.97 -5.56 2.12
CA ASN A 23 -16.20 -4.34 2.87
C ASN A 23 -16.20 -3.16 1.90
N PRO A 24 -17.29 -2.39 1.83
CA PRO A 24 -17.37 -1.34 0.80
C PRO A 24 -16.26 -0.32 0.88
N THR A 25 -15.63 -0.16 2.04
CA THR A 25 -14.59 0.86 2.17
C THR A 25 -13.43 0.59 1.22
N LEU A 26 -13.18 -0.66 0.87
CA LEU A 26 -12.10 -0.96 -0.07
C LEU A 26 -12.42 -0.49 -1.49
N ARG A 27 -13.68 -0.23 -1.78
CA ARG A 27 -14.10 0.20 -3.13
C ARG A 27 -14.50 1.66 -3.18
N THR A 28 -14.21 2.42 -2.13
CA THR A 28 -14.47 3.86 -2.14
C THR A 28 -13.16 4.61 -2.38
N VAL A 29 -13.30 5.84 -2.86
CA VAL A 29 -12.14 6.71 -3.09
C VAL A 29 -11.87 7.49 -1.80
N ALA A 30 -10.66 7.35 -1.28
CA ALA A 30 -10.33 7.93 0.01
C ALA A 30 -10.18 9.46 -0.08
N GLU A 31 -10.45 10.11 1.05
CA GLU A 31 -10.39 11.57 1.12
C GLU A 31 -8.96 12.06 1.37
N GLU A 32 -8.57 13.10 0.65
CA GLU A 32 -7.31 13.76 0.93
C GLU A 32 -7.26 14.23 2.38
N VAL A 33 -6.06 14.23 2.97
CA VAL A 33 -5.87 14.85 4.27
C VAL A 33 -5.59 16.34 4.07
N THR A 34 -5.96 17.15 5.04
CA THR A 34 -5.61 18.56 5.04
C THR A 34 -4.43 18.81 5.96
N PHE A 35 -3.73 19.93 5.70
CA PHE A 35 -2.61 20.30 6.56
C PHE A 35 -2.90 21.60 7.29
N PRO A 36 -2.48 21.71 8.55
CA PRO A 36 -1.65 20.69 9.21
C PRO A 36 -2.43 19.43 9.57
N LEU A 37 -1.70 18.31 9.68
CA LEU A 37 -2.30 17.05 10.10
C LEU A 37 -2.70 17.09 11.56
N SER A 38 -3.71 16.31 11.92
CA SER A 38 -3.98 16.13 13.33
C SER A 38 -2.95 15.17 13.93
N ASP A 39 -2.85 15.21 15.26
CA ASP A 39 -1.99 14.25 15.94
C ASP A 39 -2.39 12.83 15.59
N GLN A 40 -3.71 12.56 15.51
CA GLN A 40 -4.16 11.22 15.18
C GLN A 40 -3.67 10.80 13.79
N GLU A 41 -3.64 11.73 12.83
CA GLU A 41 -3.20 11.38 11.48
C GLU A 41 -1.72 11.05 11.44
N ILE A 42 -0.91 11.75 12.23
CA ILE A 42 0.50 11.43 12.36
C ILE A 42 0.68 10.09 13.05
N ILE A 43 -0.01 9.89 14.17
CA ILE A 43 0.11 8.63 14.91
C ILE A 43 -0.32 7.46 14.02
N LEU A 44 -1.39 7.63 13.24
CA LEU A 44 -1.84 6.55 12.37
C LEU A 44 -0.72 6.12 11.43
N GLY A 45 -0.06 7.09 10.78
CA GLY A 45 1.05 6.74 9.91
C GLY A 45 2.11 5.95 10.65
N GLU A 46 2.41 6.35 11.89
CA GLU A 46 3.39 5.63 12.69
C GLU A 46 2.91 4.23 13.01
N LYS A 47 1.62 4.09 13.34
CA LYS A 47 1.07 2.76 13.67
C LYS A 47 1.13 1.85 12.45
N MET A 48 0.83 2.40 11.28
CA MET A 48 0.89 1.60 10.05
C MET A 48 2.32 1.14 9.77
N MET A 49 3.31 2.01 9.96
CA MET A 49 4.69 1.58 9.74
C MET A 49 5.11 0.54 10.79
N GLN A 50 4.70 0.72 12.05
CA GLN A 50 5.00 -0.28 13.05
C GLN A 50 4.44 -1.64 12.66
N PHE A 51 3.23 -1.67 12.08
CA PHE A 51 2.65 -2.93 11.66
C PHE A 51 3.51 -3.60 10.60
N LEU A 52 3.97 -2.82 9.61
CA LEU A 52 4.83 -3.40 8.59
C LEU A 52 6.09 -3.99 9.20
N LYS A 53 6.67 -3.28 10.18
CA LYS A 53 7.88 -3.79 10.82
C LYS A 53 7.60 -5.05 11.61
N HIS A 54 6.50 -5.07 12.38
CA HIS A 54 6.11 -6.31 13.05
C HIS A 54 5.87 -7.42 12.04
N SER A 55 5.21 -7.10 10.93
CA SER A 55 4.91 -8.12 9.93
C SER A 55 6.16 -8.71 9.28
N GLN A 56 7.29 -8.02 9.35
CA GLN A 56 8.50 -8.50 8.69
C GLN A 56 9.46 -9.12 9.69
N ASP A 57 9.10 -9.11 10.96
CA ASP A 57 9.88 -9.76 11.99
C ASP A 57 9.37 -11.18 12.15
N PRO A 58 10.19 -12.21 11.94
CA PRO A 58 9.67 -13.58 12.10
C PRO A 58 9.06 -13.82 13.46
N VAL A 59 9.70 -13.34 14.53
CA VAL A 59 9.19 -13.59 15.88
C VAL A 59 7.85 -12.87 16.09
N MET A 60 7.82 -11.56 15.84
CA MET A 60 6.60 -10.80 16.09
C MET A 60 5.48 -11.23 15.16
N ALA A 61 5.80 -11.51 13.89
CA ALA A 61 4.76 -11.91 12.95
C ALA A 61 4.05 -13.17 13.42
N GLU A 62 4.81 -14.15 13.91
CA GLU A 62 4.16 -15.39 14.33
C GLU A 62 3.37 -15.16 15.61
N LYS A 63 3.95 -14.44 16.56
CA LYS A 63 3.24 -14.22 17.81
C LYS A 63 1.97 -13.41 17.59
N MET A 64 2.01 -12.42 16.70
CA MET A 64 0.84 -11.58 16.49
C MET A 64 -0.11 -12.12 15.43
N GLY A 65 0.25 -13.18 14.72
CA GLY A 65 -0.63 -13.74 13.70
C GLY A 65 -0.71 -12.91 12.44
N LEU A 66 0.41 -12.29 12.05
CA LEU A 66 0.44 -11.31 10.96
C LEU A 66 0.84 -11.98 9.64
N ARG A 67 0.17 -11.56 8.56
CA ARG A 67 0.70 -11.76 7.21
C ARG A 67 1.77 -10.71 6.93
N GLY A 68 2.86 -11.14 6.29
CA GLY A 68 3.94 -10.20 5.98
C GLY A 68 3.46 -9.12 5.03
N GLY A 69 3.95 -7.90 5.25
CA GLY A 69 3.58 -6.78 4.41
C GLY A 69 4.76 -5.87 4.08
N VAL A 70 4.81 -5.39 2.84
CA VAL A 70 5.73 -4.33 2.45
C VAL A 70 5.01 -3.02 2.22
N GLY A 71 3.69 -2.99 2.31
CA GLY A 71 2.95 -1.75 2.24
C GLY A 71 1.59 -1.90 2.87
N LEU A 72 0.96 -0.75 3.13
CA LEU A 72 -0.34 -0.72 3.79
C LEU A 72 -1.00 0.61 3.47
N ALA A 73 -2.32 0.59 3.28
CA ALA A 73 -3.07 1.80 2.97
C ALA A 73 -4.18 1.99 4.01
N ALA A 74 -4.43 3.24 4.40
CA ALA A 74 -5.38 3.47 5.49
C ALA A 74 -6.76 2.88 5.21
N PRO A 75 -7.29 2.87 3.99
CA PRO A 75 -8.59 2.24 3.79
C PRO A 75 -8.63 0.78 4.18
N GLN A 76 -7.49 0.09 4.16
CA GLN A 76 -7.46 -1.30 4.62
C GLN A 76 -7.73 -1.41 6.11
N LEU A 77 -7.64 -0.31 6.84
CA LEU A 77 -7.96 -0.26 8.25
C LEU A 77 -9.34 0.35 8.48
N ASP A 78 -10.14 0.45 7.41
CA ASP A 78 -11.44 1.12 7.44
C ASP A 78 -11.32 2.61 7.72
N ILE A 79 -10.23 3.22 7.27
CA ILE A 79 -9.99 4.64 7.47
C ILE A 79 -9.83 5.24 6.07
N SER A 80 -10.86 5.96 5.64
CA SER A 80 -10.93 6.41 4.25
C SER A 80 -10.18 7.73 4.08
N LYS A 81 -8.87 7.65 4.29
CA LYS A 81 -7.95 8.77 4.16
C LYS A 81 -6.80 8.38 3.25
N ARG A 82 -6.25 9.37 2.54
CA ARG A 82 -5.19 9.12 1.56
C ARG A 82 -3.83 9.07 2.26
N ILE A 83 -3.61 7.97 2.98
CA ILE A 83 -2.40 7.75 3.77
C ILE A 83 -1.90 6.35 3.45
N ILE A 84 -0.63 6.23 3.08
CA ILE A 84 -0.04 4.91 2.86
C ILE A 84 1.30 4.82 3.57
N ALA A 85 1.70 3.59 3.88
CA ALA A 85 3.02 3.28 4.41
C ALA A 85 3.67 2.24 3.52
N VAL A 86 4.98 2.41 3.26
CA VAL A 86 5.72 1.46 2.43
C VAL A 86 7.05 1.15 3.09
N LEU A 87 7.41 -0.14 3.07
CA LEU A 87 8.60 -0.62 3.80
C LEU A 87 9.15 -1.78 2.98
N VAL A 88 10.07 -1.47 2.08
CA VAL A 88 10.61 -2.42 1.11
C VAL A 88 12.07 -2.66 1.46
N PRO A 89 12.41 -3.85 1.97
CA PRO A 89 13.80 -4.09 2.41
C PRO A 89 14.72 -4.37 1.24
N ASN A 90 16.00 -4.06 1.44
CA ASN A 90 17.02 -4.31 0.43
C ASN A 90 17.34 -5.80 0.36
N ALA A 101 19.67 -1.15 4.48
CA ALA A 101 18.62 -1.86 5.21
C ALA A 101 17.30 -1.90 4.43
N TYR A 102 16.71 -0.73 4.19
CA TYR A 102 15.45 -0.64 3.46
C TYR A 102 15.69 0.07 2.13
N ASP A 103 15.17 -0.52 1.05
CA ASP A 103 15.16 0.14 -0.23
C ASP A 103 14.27 1.37 -0.21
N LEU A 104 13.19 1.33 0.58
CA LEU A 104 12.23 2.42 0.62
C LEU A 104 11.46 2.33 1.93
N GLU A 105 11.55 3.37 2.74
CA GLU A 105 10.77 3.46 3.98
C GLU A 105 10.08 4.82 3.97
N ALA A 106 8.76 4.83 3.90
CA ALA A 106 8.08 6.12 3.84
C ALA A 106 6.65 6.01 4.31
N ILE A 107 6.19 7.02 5.06
CA ILE A 107 4.79 7.26 5.34
C ILE A 107 4.37 8.43 4.46
N MET A 108 3.44 8.20 3.54
CA MET A 108 3.09 9.19 2.53
C MET A 108 1.67 9.68 2.72
N TYR A 109 1.52 11.01 2.80
CA TYR A 109 0.23 11.67 2.88
C TYR A 109 -0.11 12.26 1.51
N ASN A 110 -1.33 12.01 1.04
CA ASN A 110 -1.80 12.43 -0.27
C ASN A 110 -0.81 12.09 -1.40
N PRO A 111 -0.39 10.83 -1.50
CA PRO A 111 0.50 10.44 -2.58
C PRO A 111 -0.21 10.52 -3.92
N LYS A 112 0.55 10.88 -4.95
CA LYS A 112 -0.04 11.04 -6.27
C LYS A 112 1.02 10.76 -7.34
N ILE A 113 0.66 9.93 -8.33
CA ILE A 113 1.51 9.71 -9.49
C ILE A 113 1.38 10.92 -10.41
N VAL A 114 2.50 11.57 -10.69
CA VAL A 114 2.52 12.75 -11.56
C VAL A 114 3.18 12.47 -12.89
N SER A 115 3.85 11.33 -13.04
CA SER A 115 4.43 10.93 -14.32
C SER A 115 4.54 9.42 -14.32
N HIS A 116 4.39 8.81 -15.51
CA HIS A 116 4.58 7.37 -15.56
C HIS A 116 5.17 6.98 -16.90
N SER A 117 5.89 5.87 -16.92
CA SER A 117 6.51 5.38 -18.13
C SER A 117 5.48 4.73 -19.04
N VAL A 118 5.78 4.74 -20.34
CA VAL A 118 5.01 3.92 -21.27
C VAL A 118 5.18 2.44 -20.93
N GLN A 119 6.41 2.02 -20.67
CA GLN A 119 6.68 0.64 -20.28
C GLN A 119 5.85 0.25 -19.07
N ASP A 120 5.32 -0.96 -19.11
CA ASP A 120 4.63 -1.57 -17.99
C ASP A 120 5.56 -2.57 -17.30
N ALA A 121 5.23 -2.92 -16.06
CA ALA A 121 5.94 -3.97 -15.36
C ALA A 121 4.96 -4.74 -14.47
N ALA A 122 5.37 -5.95 -14.11
CA ALA A 122 4.59 -6.75 -13.19
C ALA A 122 5.51 -7.69 -12.44
N LEU A 123 5.20 -7.94 -11.17
CA LEU A 123 5.97 -8.92 -10.43
C LEU A 123 5.80 -10.29 -11.04
N GLY A 124 6.91 -10.98 -11.29
CA GLY A 124 6.84 -12.34 -11.81
C GLY A 124 6.05 -13.28 -10.93
N GLU A 125 6.05 -13.05 -9.62
CA GLU A 125 5.35 -13.93 -8.70
C GLU A 125 3.92 -13.48 -8.42
N GLY A 126 3.37 -12.57 -9.23
CA GLY A 126 2.04 -12.06 -9.00
C GLY A 126 2.01 -11.23 -7.72
N GLU A 127 0.80 -10.88 -7.30
CA GLU A 127 0.61 -10.10 -6.07
C GLU A 127 -0.40 -10.78 -5.14
N GLY A 128 -0.24 -10.52 -3.84
CA GLY A 128 -1.26 -10.77 -2.86
C GLY A 128 -1.77 -9.45 -2.28
N CYS A 129 -2.71 -9.56 -1.34
CA CYS A 129 -3.24 -8.36 -0.69
C CYS A 129 -3.68 -8.77 0.71
N LEU A 130 -3.33 -7.97 1.72
CA LEU A 130 -3.74 -8.30 3.09
C LEU A 130 -5.24 -8.31 3.25
N SER A 131 -5.96 -7.67 2.33
CA SER A 131 -7.41 -7.56 2.34
C SER A 131 -8.10 -8.65 1.52
N VAL A 132 -7.33 -9.57 0.94
CA VAL A 132 -7.85 -10.59 0.03
C VAL A 132 -7.41 -11.95 0.57
N ASP A 133 -8.37 -12.74 1.01
CA ASP A 133 -8.07 -14.01 1.69
C ASP A 133 -8.23 -15.19 0.72
N ARG A 134 -7.48 -15.10 -0.38
CA ARG A 134 -7.51 -16.08 -1.45
C ARG A 134 -6.41 -15.70 -2.42
N ASN A 135 -5.94 -16.68 -3.19
CA ASN A 135 -4.95 -16.41 -4.23
C ASN A 135 -5.64 -16.08 -5.54
N VAL A 136 -5.13 -15.07 -6.23
CA VAL A 136 -5.59 -14.76 -7.57
C VAL A 136 -4.36 -14.73 -8.46
N PRO A 137 -4.10 -15.77 -9.24
CA PRO A 137 -2.86 -15.83 -10.02
C PRO A 137 -2.88 -14.83 -11.16
N GLY A 138 -1.68 -14.50 -11.62
CA GLY A 138 -1.56 -13.70 -12.82
C GLY A 138 -0.67 -12.48 -12.67
N TYR A 139 -0.30 -11.90 -13.80
CA TYR A 139 0.53 -10.70 -13.80
C TYR A 139 -0.34 -9.48 -13.53
N VAL A 140 -0.05 -8.76 -12.46
CA VAL A 140 -0.72 -7.51 -12.13
C VAL A 140 0.04 -6.41 -12.87
N VAL A 141 -0.55 -5.92 -13.95
CA VAL A 141 0.13 -5.03 -14.90
C VAL A 141 0.11 -3.60 -14.36
N ARG A 142 1.29 -3.03 -14.18
CA ARG A 142 1.41 -1.68 -13.62
C ARG A 142 2.40 -0.88 -14.47
N HIS A 143 2.53 0.40 -14.16
CA HIS A 143 3.59 1.20 -14.77
C HIS A 143 4.94 0.68 -14.32
N ALA A 144 5.91 0.64 -15.23
CA ALA A 144 7.24 0.23 -14.79
C ALA A 144 7.85 1.28 -13.87
N ARG A 145 7.75 2.55 -14.25
CA ARG A 145 8.39 3.64 -13.53
C ARG A 145 7.39 4.75 -13.25
N VAL A 146 7.44 5.32 -12.04
CA VAL A 146 6.52 6.39 -11.66
C VAL A 146 7.28 7.50 -10.96
N THR A 147 6.80 8.73 -11.16
CA THR A 147 7.18 9.86 -10.34
C THR A 147 6.03 10.14 -9.39
N VAL A 148 6.32 10.16 -8.09
CA VAL A 148 5.29 10.25 -7.05
C VAL A 148 5.54 11.50 -6.23
N ASP A 149 4.51 12.33 -6.09
CA ASP A 149 4.48 13.44 -5.16
C ASP A 149 3.80 12.99 -3.88
N TYR A 150 4.33 13.38 -2.73
CA TYR A 150 3.60 13.17 -1.48
C TYR A 150 4.04 14.18 -0.45
N PHE A 151 3.29 14.25 0.64
CA PHE A 151 3.63 15.08 1.79
C PHE A 151 4.01 14.18 2.96
N ASP A 152 5.00 14.62 3.73
CA ASP A 152 5.34 13.89 4.94
C ASP A 152 4.55 14.47 6.10
N LYS A 153 4.78 13.93 7.30
CA LYS A 153 4.00 14.33 8.48
C LYS A 153 4.09 15.83 8.76
N ASP A 154 5.19 16.46 8.37
CA ASP A 154 5.40 17.89 8.60
C ASP A 154 4.79 18.76 7.50
N GLY A 155 4.12 18.17 6.53
CA GLY A 155 3.58 18.92 5.42
C GLY A 155 4.59 19.33 4.38
N GLU A 156 5.83 18.83 4.46
CA GLU A 156 6.82 19.08 3.42
C GLU A 156 6.55 18.18 2.23
N LYS A 157 6.71 18.73 1.02
CA LYS A 157 6.40 17.99 -0.19
C LYS A 157 7.63 17.26 -0.69
N HIS A 158 7.43 16.03 -1.14
CA HIS A 158 8.51 15.22 -1.71
C HIS A 158 8.12 14.77 -3.10
N ARG A 159 9.11 14.73 -3.99
CA ARG A 159 8.92 14.24 -5.35
C ARG A 159 9.99 13.19 -5.62
N ILE A 160 9.58 11.93 -5.78
CA ILE A 160 10.52 10.83 -5.89
C ILE A 160 10.24 10.05 -7.15
N LYS A 161 11.27 9.37 -7.64
CA LYS A 161 11.16 8.55 -8.83
C LYS A 161 11.46 7.10 -8.45
N LEU A 162 10.53 6.21 -8.79
CA LEU A 162 10.59 4.82 -8.40
C LEU A 162 10.62 3.92 -9.61
N LYS A 163 11.32 2.80 -9.47
CA LYS A 163 11.29 1.74 -10.48
C LYS A 163 11.30 0.40 -9.75
N GLY A 164 11.31 -0.69 -10.52
CA GLY A 164 11.43 -2.00 -9.90
C GLY A 164 10.34 -2.27 -8.88
N TYR A 165 10.70 -2.99 -7.82
CA TYR A 165 9.71 -3.37 -6.83
C TYR A 165 9.14 -2.14 -6.13
N ASN A 166 9.98 -1.15 -5.82
CA ASN A 166 9.48 0.05 -5.15
C ASN A 166 8.32 0.65 -5.92
N SER A 167 8.43 0.71 -7.25
CA SER A 167 7.36 1.30 -8.05
C SER A 167 6.09 0.48 -7.92
N ILE A 168 6.21 -0.86 -7.95
CA ILE A 168 5.04 -1.72 -7.84
C ILE A 168 4.34 -1.52 -6.51
N VAL A 169 5.11 -1.51 -5.43
CA VAL A 169 4.50 -1.45 -4.11
C VAL A 169 3.70 -0.16 -3.94
N VAL A 170 4.29 0.98 -4.32
CA VAL A 170 3.59 2.26 -4.12
C VAL A 170 2.32 2.30 -4.96
N GLN A 171 2.38 1.78 -6.19
CA GLN A 171 1.18 1.76 -7.03
C GLN A 171 0.09 0.89 -6.42
N HIS A 172 0.47 -0.22 -5.82
CA HIS A 172 -0.52 -1.07 -5.15
C HIS A 172 -1.22 -0.30 -4.04
N GLU A 173 -0.45 0.43 -3.22
CA GLU A 173 -1.07 1.19 -2.14
C GLU A 173 -1.91 2.36 -2.66
N ILE A 174 -1.42 3.07 -3.68
CA ILE A 174 -2.22 4.16 -4.24
C ILE A 174 -3.52 3.61 -4.79
N ASP A 175 -3.46 2.42 -5.39
CA ASP A 175 -4.69 1.79 -5.87
C ASP A 175 -5.73 1.68 -4.76
N HIS A 176 -5.29 1.25 -3.57
CA HIS A 176 -6.23 1.10 -2.45
C HIS A 176 -6.93 2.42 -2.12
N ILE A 177 -6.20 3.54 -2.14
CA ILE A 177 -6.85 4.80 -1.80
C ILE A 177 -7.73 5.32 -2.92
N ASN A 178 -7.71 4.66 -4.08
CA ASN A 178 -8.65 4.95 -5.16
C ASN A 178 -9.71 3.86 -5.32
N GLY A 179 -9.81 2.94 -4.37
CA GLY A 179 -10.81 1.88 -4.43
C GLY A 179 -10.54 0.80 -5.46
N ILE A 180 -9.26 0.58 -5.81
CA ILE A 180 -8.87 -0.39 -6.83
C ILE A 180 -8.12 -1.53 -6.14
N MET A 181 -8.40 -2.77 -6.56
CA MET A 181 -7.77 -3.97 -6.03
C MET A 181 -6.84 -4.60 -7.07
N PHE A 182 -5.86 -5.37 -6.59
CA PHE A 182 -4.80 -5.81 -7.49
C PHE A 182 -5.34 -6.67 -8.64
N TYR A 183 -6.32 -7.52 -8.38
CA TYR A 183 -6.83 -8.35 -9.46
C TYR A 183 -7.58 -7.54 -10.52
N ASP A 184 -7.89 -6.27 -10.27
CA ASP A 184 -8.47 -5.45 -11.31
C ASP A 184 -7.52 -5.28 -12.49
N ARG A 185 -6.23 -5.54 -12.30
CA ARG A 185 -5.22 -5.29 -13.32
C ARG A 185 -4.59 -6.55 -13.89
N ILE A 186 -5.15 -7.72 -13.60
CA ILE A 186 -4.69 -8.97 -14.18
C ILE A 186 -5.47 -9.19 -15.47
N ASN A 187 -4.79 -9.72 -16.49
CA ASN A 187 -5.45 -10.00 -17.77
C ASN A 187 -6.36 -11.20 -17.59
N GLU A 188 -7.69 -10.96 -17.62
CA GLU A 188 -8.64 -12.02 -17.32
C GLU A 188 -8.57 -13.12 -18.38
N LYS A 189 -8.45 -12.75 -19.66
CA LYS A 189 -8.47 -13.77 -20.71
C LYS A 189 -7.23 -14.65 -20.67
N ASP A 190 -6.07 -14.07 -20.39
CA ASP A 190 -4.86 -14.86 -20.14
C ASP A 190 -4.04 -14.21 -19.03
N PRO A 191 -4.18 -14.68 -17.79
CA PRO A 191 -3.53 -14.00 -16.66
C PRO A 191 -2.00 -13.89 -16.77
N PHE A 192 -1.34 -14.77 -17.52
CA PHE A 192 0.12 -14.75 -17.62
C PHE A 192 0.60 -14.32 -19.00
N ALA A 193 -0.26 -13.67 -19.78
CA ALA A 193 0.16 -13.05 -21.03
C ALA A 193 1.28 -12.04 -20.77
N VAL A 194 2.33 -12.09 -21.58
CA VAL A 194 3.38 -11.07 -21.53
C VAL A 194 3.13 -10.16 -22.73
N LYS A 195 2.36 -9.11 -22.50
CA LYS A 195 2.04 -8.16 -23.55
C LYS A 195 3.29 -7.41 -24.00
N ASP A 196 3.24 -6.89 -25.22
CA ASP A 196 4.33 -6.06 -25.70
C ASP A 196 4.57 -4.91 -24.72
N GLY A 197 5.83 -4.67 -24.36
CA GLY A 197 6.15 -3.58 -23.47
C GLY A 197 5.92 -3.88 -22.01
N LEU A 198 5.65 -5.12 -21.65
CA LEU A 198 5.48 -5.52 -20.24
C LEU A 198 6.77 -6.13 -19.73
N LEU A 199 7.35 -5.51 -18.70
CA LEU A 199 8.57 -6.00 -18.07
C LEU A 199 8.18 -6.88 -16.88
N ILE A 200 8.66 -8.13 -16.87
CA ILE A 200 8.39 -9.05 -15.77
C ILE A 200 9.55 -9.01 -14.80
N LEU A 201 9.28 -8.65 -13.54
CA LEU A 201 10.32 -8.51 -12.53
C LEU A 201 10.54 -9.83 -11.79
NI NI B . -3.33 -4.54 -0.70
C11 NB4 C . 1.33 -5.23 -0.78
C12 NB4 C . 2.29 -5.72 -1.86
C13 NB4 C . 1.63 -6.71 -2.83
C14 NB4 C . 2.39 -6.57 -4.14
C01 NB4 C . 5.83 -8.57 -2.74
C02 NB4 C . 5.64 -8.83 -1.29
C04 NB4 C . 4.22 -9.14 0.46
C07 NB4 C . 1.95 -7.08 0.74
C09 NB4 C . 0.79 -6.30 0.18
C15 NB4 C . 3.07 -5.24 -4.14
C16 NB4 C . 2.76 -4.58 -2.78
C17 NB4 C . -0.01 -5.73 1.35
C20 NB4 C . -1.10 -3.66 0.80
C22 NB4 C . 5.29 -9.34 1.28
C24 NB4 C . 6.59 -9.30 0.74
C27 NB4 C . 9.04 -9.15 0.95
C28 NB4 C . 9.92 -8.60 2.06
C30 NB4 C . 10.89 -9.05 4.20
C31 NB4 C . 10.92 -10.02 5.35
C33 NB4 C . 8.76 -10.75 4.90
C34 NB4 C . 8.66 -9.81 3.71
C36 NB4 C . 7.78 -10.40 2.63
F23 NB4 C . 5.07 -9.58 2.59
N03 NB4 C . 4.39 -8.89 -0.85
N05 NB4 C . 2.96 -9.20 0.91
N06 NB4 C . 1.97 -8.38 0.42
N18 NB4 C . -1.16 -4.99 0.90
N25 NB4 C . 6.74 -9.02 -0.56
N26 NB4 C . 7.72 -9.49 1.49
N29 NB4 C . 10.01 -9.57 3.15
O08 NB4 C . 2.82 -6.55 1.41
O19 NB4 C . -2.34 -5.65 0.56
O21 NB4 C . -2.02 -2.97 0.42
O32 NB4 C . 9.62 -10.21 5.90
H43 NB4 C . 1.80 -4.55 -0.26
H42 NB4 C . 0.60 -4.78 -1.22
H44 NB4 C . 3.06 -6.14 -1.45
H46 NB4 C . 0.69 -6.51 -2.95
H45 NB4 C . 1.69 -7.62 -2.49
H48 NB4 C . 1.78 -6.64 -4.90
H47 NB4 C . 3.04 -7.28 -4.24
H39 NB4 C . 6.68 -8.10 -2.88
H38 NB4 C . 5.11 -8.02 -3.08
H37 NB4 C . 5.86 -9.40 -3.24
H10 NB4 C . 0.19 -6.88 -0.32
H49 NB4 C . 4.03 -5.36 -4.26
H50 NB4 C . 2.75 -4.70 -4.88
H51 NB4 C . 3.55 -4.14 -2.42
H52 NB4 C . 2.07 -3.90 -2.88
H53 NB4 C . -0.33 -6.43 1.93
H54 NB4 C . 0.53 -5.13 1.88
H57 NB4 C . 9.44 -9.95 0.58
H58 NB4 C . 8.95 -8.51 0.24
H59 NB4 C . 10.79 -8.40 1.69
H60 NB4 C . 9.54 -7.75 2.36
H61 NB4 C . 11.80 -8.95 3.86
H62 NB4 C . 10.59 -8.19 4.52
H63 NB4 C . 11.25 -10.88 5.05
H64 NB4 C . 11.51 -9.71 6.05
H66 NB4 C . 7.89 -10.90 5.29
H65 NB4 C . 9.12 -11.61 4.63
H35 NB4 C . 8.27 -8.96 4.01
H68 NB4 C . 6.88 -10.56 2.97
H67 NB4 C . 8.13 -11.26 2.35
H40 NB4 C . 2.77 -9.76 1.53
H41 NB4 C . 1.38 -8.76 -0.07
#